data_3GLL
#
_entry.id   3GLL
#
_cell.length_a   159.153
_cell.length_b   159.153
_cell.length_c   157.508
_cell.angle_alpha   90.00
_cell.angle_beta   90.00
_cell.angle_gamma   120.00
#
_symmetry.space_group_name_H-M   'H 3 2'
#
loop_
_entity.id
_entity.type
_entity.pdbx_description
1 polymer 'Polyribonucleotide nucleotidyltransferase'
2 water water
#
_entity_poly.entity_id   1
_entity_poly.type   'polypeptide(L)'
_entity_poly.pdbx_seq_one_letter_code
;MLNPIVRKFQYGQHTVTLETGMMARQATAAVMVSMDDTAVFVTVVGQKKAKPGQDFFPLTVNYQERTYAAGRIPGSFFRR
EGRPSEGETLIARLIDRPIRPLFPEGFVNEVQVIATVVSVNPQVNPDIVAMIGASAALSLSGIPFNGPIGAARVGYINDQ
YVLNPTQDELKESKLDLVVAGTEAAVLMVESEAELLSEDQMLGAVVFGHEQQQVVIQNINELVKEAGKPRWDWQPEPVNE
ALNARVAALAEARLSDAYRITDKQERYAQVDVIKSETIATLLAEDETLDENELGEILHAIEKNVVRSRVLAGEPRIDGRE
KDMIRGLDVRTGVLPRTHGSALFTRGETQALVTATLGTARDAQVLDELMGERTDTFLFHYNFPPYSVGETGMVGSPKRRE
IGHGRLAKRGVLAVMPDMDKFPYTVRVVSEITESNGSSSMASVCGASLALMDAGVPIKAAVAGIAMGLVKEGDNYVVLSD
ILGDEDHLGDMDFKVAGSRDGISALQMDIKIEGITKEIMQVALNQAKGARLHILGVMEQAINAPRGDIS
;
_entity_poly.pdbx_strand_id   A
#
# COMPACT_ATOMS: atom_id res chain seq x y z
N LEU A 2 -3.87 15.00 38.03
CA LEU A 2 -3.98 14.37 36.67
C LEU A 2 -5.19 13.46 36.56
N ASN A 3 -5.84 13.49 35.40
CA ASN A 3 -7.03 12.70 35.13
C ASN A 3 -6.99 11.96 33.80
N PRO A 4 -6.87 10.61 33.85
CA PRO A 4 -6.90 9.80 32.63
C PRO A 4 -8.32 9.34 32.27
N ILE A 5 -8.68 9.51 31.00
CA ILE A 5 -9.98 9.06 30.50
C ILE A 5 -9.81 7.73 29.76
N VAL A 6 -10.40 6.68 30.31
CA VAL A 6 -10.22 5.32 29.79
C VAL A 6 -11.53 4.75 29.25
N ARG A 7 -11.49 4.30 27.99
CA ARG A 7 -12.62 3.61 27.38
C ARG A 7 -12.17 2.30 26.76
N LYS A 8 -12.85 1.21 27.13
CA LYS A 8 -12.52 -0.12 26.65
C LYS A 8 -13.65 -0.72 25.82
N PHE A 9 -13.30 -1.58 24.86
CA PHE A 9 -14.27 -2.29 24.03
C PHE A 9 -13.71 -3.58 23.44
N GLN A 10 -14.60 -4.49 23.06
CA GLN A 10 -14.20 -5.74 22.43
C GLN A 10 -14.06 -5.58 20.92
N TYR A 11 -12.82 -5.56 20.44
CA TYR A 11 -12.54 -5.66 19.02
C TYR A 11 -12.17 -7.08 18.61
N GLY A 12 -13.14 -7.80 18.07
CA GLY A 12 -12.94 -9.19 17.70
C GLY A 12 -12.74 -10.09 18.91
N GLN A 13 -11.53 -10.60 19.07
CA GLN A 13 -11.23 -11.55 20.13
C GLN A 13 -10.70 -10.84 21.37
N HIS A 14 -10.20 -9.63 21.18
CA HIS A 14 -9.33 -9.01 22.13
C HIS A 14 -10.02 -7.86 22.76
N THR A 15 -9.36 -7.23 23.68
CA THR A 15 -9.95 -6.03 24.27
C THR A 15 -9.06 -4.82 23.96
N VAL A 16 -9.65 -3.79 23.37
CA VAL A 16 -8.92 -2.59 22.99
C VAL A 16 -9.19 -1.46 23.99
N THR A 17 -8.11 -0.92 24.56
CA THR A 17 -8.20 0.16 25.54
C THR A 17 -7.79 1.49 24.91
N LEU A 18 -8.66 2.49 25.07
CA LEU A 18 -8.40 3.84 24.59
C LEU A 18 -8.18 4.78 25.78
N GLU A 19 -6.97 5.31 25.91
CA GLU A 19 -6.59 6.14 27.05
C GLU A 19 -6.02 7.48 26.60
N THR A 20 -6.54 8.56 27.17
CA THR A 20 -6.10 9.93 26.84
C THR A 20 -6.32 10.90 27.99
N GLY A 21 -5.56 12.00 27.98
CA GLY A 21 -5.72 13.07 28.95
C GLY A 21 -4.71 13.07 30.10
N MET A 22 -3.82 12.09 30.09
CA MET A 22 -2.82 11.93 31.16
C MET A 22 -1.39 12.15 30.65
N MET A 23 -1.07 11.56 29.50
CA MET A 23 0.27 11.61 28.94
C MET A 23 0.36 12.56 27.73
N ALA A 24 1.48 13.28 27.66
CA ALA A 24 1.77 14.23 26.57
C ALA A 24 0.61 15.20 26.29
N ARG A 25 0.39 16.12 27.22
CA ARG A 25 -0.70 17.09 27.15
C ARG A 25 -0.36 18.30 26.29
N GLN A 26 0.94 18.55 26.10
CA GLN A 26 1.41 19.69 25.32
C GLN A 26 1.20 19.51 23.82
N ALA A 27 1.11 18.25 23.38
CA ALA A 27 0.73 17.92 22.01
C ALA A 27 -0.75 18.17 21.80
N THR A 28 -1.16 18.33 20.54
CA THR A 28 -2.57 18.60 20.21
C THR A 28 -3.48 17.47 20.73
N ALA A 29 -3.03 16.23 20.57
CA ALA A 29 -3.70 15.06 21.15
C ALA A 29 -2.74 13.88 21.27
N ALA A 30 -2.87 13.13 22.36
CA ALA A 30 -2.06 11.94 22.61
C ALA A 30 -2.91 10.80 23.15
N VAL A 31 -2.84 9.65 22.49
CA VAL A 31 -3.66 8.50 22.87
C VAL A 31 -2.82 7.25 23.15
N MET A 32 -3.13 6.60 24.27
CA MET A 32 -2.50 5.33 24.66
C MET A 32 -3.46 4.19 24.31
N VAL A 33 -3.14 3.47 23.24
CA VAL A 33 -3.98 2.38 22.75
C VAL A 33 -3.34 1.02 23.04
N SER A 34 -4.07 0.19 23.80
CA SER A 34 -3.58 -1.14 24.17
C SER A 34 -4.54 -2.23 23.70
N MET A 35 -3.99 -3.22 22.99
CA MET A 35 -4.77 -4.36 22.54
C MET A 35 -4.17 -5.67 23.04
N ASP A 36 -4.70 -6.16 24.15
CA ASP A 36 -4.13 -7.33 24.81
C ASP A 36 -2.63 -7.19 24.99
N ASP A 37 -2.22 -6.17 25.72
CA ASP A 37 -0.84 -6.06 26.21
C ASP A 37 0.07 -5.49 25.13
N THR A 38 -0.48 -5.29 23.93
CA THR A 38 0.24 -4.58 22.87
C THR A 38 -0.17 -3.11 22.89
N ALA A 39 0.72 -2.27 23.42
CA ALA A 39 0.44 -0.84 23.60
C ALA A 39 1.31 0.05 22.73
N VAL A 40 0.65 0.89 21.94
CA VAL A 40 1.33 1.86 21.08
C VAL A 40 0.88 3.28 21.43
N PHE A 41 1.83 4.10 21.85
CA PHE A 41 1.56 5.49 22.22
C PHE A 41 1.64 6.40 20.99
N VAL A 42 0.49 6.94 20.61
CA VAL A 42 0.39 7.75 19.39
C VAL A 42 0.07 9.22 19.72
N THR A 43 0.89 10.11 19.16
CA THR A 43 0.72 11.55 19.35
C THR A 43 0.48 12.26 18.02
N VAL A 44 -0.13 13.44 18.10
CA VAL A 44 -0.35 14.28 16.91
C VAL A 44 -0.17 15.77 17.25
N VAL A 45 0.57 16.48 16.40
CA VAL A 45 0.80 17.91 16.56
C VAL A 45 0.51 18.63 15.26
N GLY A 46 -0.42 19.58 15.30
CA GLY A 46 -0.76 20.40 14.15
C GLY A 46 -0.55 21.88 14.46
N GLN A 47 0.31 22.52 13.67
CA GLN A 47 0.64 23.93 13.87
C GLN A 47 -0.54 24.85 13.54
N LYS A 48 -0.70 25.90 14.34
CA LYS A 48 -1.83 26.83 14.21
C LYS A 48 -1.77 27.67 12.94
N LYS A 49 -0.61 28.26 12.67
CA LYS A 49 -0.42 29.10 11.48
C LYS A 49 0.47 28.40 10.45
N ALA A 50 -0.02 28.35 9.22
CA ALA A 50 0.73 27.77 8.11
C ALA A 50 1.71 28.78 7.52
N LYS A 51 2.80 28.29 6.94
CA LYS A 51 3.80 29.13 6.30
C LYS A 51 3.19 29.87 5.11
N PRO A 52 3.30 31.21 5.09
CA PRO A 52 2.69 32.05 4.06
C PRO A 52 3.09 31.64 2.63
N GLY A 53 2.13 31.11 1.89
CA GLY A 53 2.35 30.68 0.51
C GLY A 53 2.90 29.27 0.38
N GLN A 54 2.50 28.40 1.31
CA GLN A 54 2.88 26.98 1.25
C GLN A 54 2.07 26.27 0.18
N ASP A 55 2.77 25.61 -0.74
CA ASP A 55 2.16 25.06 -1.95
C ASP A 55 1.55 23.66 -1.80
N PHE A 56 2.02 22.90 -0.82
CA PHE A 56 1.50 21.54 -0.60
C PHE A 56 1.19 21.25 0.87
N PHE A 57 0.41 20.20 1.10
CA PHE A 57 0.04 19.77 2.45
C PHE A 57 1.12 18.86 3.04
N PRO A 58 1.80 19.33 4.11
CA PRO A 58 2.89 18.58 4.75
C PRO A 58 2.39 17.63 5.83
N LEU A 59 2.49 16.33 5.56
CA LEU A 59 2.10 15.30 6.52
C LEU A 59 3.25 14.30 6.70
N THR A 60 3.63 14.07 7.95
CA THR A 60 4.70 13.15 8.27
C THR A 60 4.26 12.16 9.36
N VAL A 61 4.34 10.88 9.03
CA VAL A 61 4.00 9.81 9.97
C VAL A 61 5.27 9.07 10.40
N ASN A 62 5.55 9.10 11.70
CA ASN A 62 6.73 8.45 12.25
C ASN A 62 6.39 7.26 13.15
N TYR A 63 6.70 6.06 12.67
CA TYR A 63 6.47 4.83 13.41
C TYR A 63 7.80 4.26 13.89
N GLN A 64 7.90 4.04 15.20
CA GLN A 64 9.13 3.53 15.81
C GLN A 64 8.85 2.42 16.82
N GLU A 65 9.68 1.37 16.76
CA GLU A 65 9.55 0.22 17.65
C GLU A 65 10.67 0.22 18.68
N ARG A 66 10.28 0.38 19.95
CA ARG A 66 11.22 0.29 21.06
C ARG A 66 11.39 -1.16 21.48
N THR A 67 12.63 -1.60 21.63
CA THR A 67 12.92 -3.01 21.89
C THR A 67 12.62 -3.43 23.34
N TYR A 68 12.53 -2.45 24.24
CA TYR A 68 12.18 -2.73 25.64
C TYR A 68 10.72 -3.15 25.80
N ALA A 69 9.94 -3.01 24.73
CA ALA A 69 8.55 -3.42 24.69
C ALA A 69 8.39 -4.94 24.80
N ALA A 70 9.35 -5.66 24.23
CA ALA A 70 9.37 -7.13 24.29
C ALA A 70 10.18 -7.63 25.48
N GLY A 71 10.67 -6.71 26.30
CA GLY A 71 11.51 -7.03 27.45
C GLY A 71 12.91 -7.45 27.02
N ARG A 72 13.48 -6.71 26.08
CA ARG A 72 14.82 -7.00 25.58
C ARG A 72 15.65 -5.73 25.45
N ILE A 73 16.95 -5.85 25.70
CA ILE A 73 17.86 -4.72 25.62
C ILE A 73 18.48 -4.62 24.22
N PRO A 74 18.43 -3.42 23.64
CA PRO A 74 18.99 -3.19 22.31
C PRO A 74 20.44 -3.64 22.21
N GLY A 75 20.84 -4.13 21.05
CA GLY A 75 22.20 -4.57 20.84
C GLY A 75 23.06 -3.53 20.17
N SER A 76 24.37 -3.77 20.12
CA SER A 76 25.30 -2.84 19.51
C SER A 76 24.78 -2.32 18.17
N PHE A 77 23.70 -2.92 17.69
CA PHE A 77 23.09 -2.52 16.44
C PHE A 77 21.65 -2.07 16.64
N PHE A 78 21.18 -1.18 15.76
CA PHE A 78 19.83 -0.66 15.84
C PHE A 78 19.07 -1.31 16.99
N GLY A 82 19.38 5.43 14.77
CA GLY A 82 18.90 6.73 14.33
C GLY A 82 17.85 6.62 13.24
N ARG A 83 18.26 6.11 12.07
CA ARG A 83 17.36 5.93 10.93
C ARG A 83 16.43 4.74 11.14
N PRO A 84 15.14 4.89 10.76
CA PRO A 84 14.16 3.81 10.90
C PRO A 84 14.45 2.63 9.98
N SER A 85 13.99 1.44 10.38
CA SER A 85 14.22 0.22 9.63
C SER A 85 13.27 0.07 8.43
N GLU A 86 13.43 -1.02 7.69
CA GLU A 86 12.61 -1.32 6.51
C GLU A 86 11.14 -1.57 6.88
N GLY A 87 10.92 -2.29 7.98
CA GLY A 87 9.58 -2.61 8.43
C GLY A 87 8.85 -1.47 9.09
N GLU A 88 9.60 -0.60 9.78
CA GLU A 88 9.04 0.58 10.46
C GLU A 88 8.52 1.62 9.48
N THR A 89 9.19 1.74 8.33
CA THR A 89 8.80 2.66 7.26
C THR A 89 7.53 2.18 6.56
N LEU A 90 7.38 0.86 6.44
CA LEU A 90 6.22 0.24 5.80
C LEU A 90 4.95 0.39 6.63
N ILE A 91 5.09 0.32 7.95
CA ILE A 91 3.96 0.48 8.87
C ILE A 91 3.57 1.96 9.00
N ALA A 92 4.57 2.84 8.95
CA ALA A 92 4.34 4.28 8.89
C ALA A 92 3.63 4.66 7.58
N ARG A 93 3.84 3.85 6.54
CA ARG A 93 3.18 4.02 5.26
C ARG A 93 1.73 3.54 5.32
N LEU A 94 1.49 2.47 6.08
CA LEU A 94 0.15 1.91 6.27
C LEU A 94 -0.77 2.88 7.02
N ILE A 95 -0.18 3.65 7.94
CA ILE A 95 -0.90 4.68 8.68
C ILE A 95 -1.19 5.88 7.76
N ASP A 96 -0.15 6.36 7.09
CA ASP A 96 -0.22 7.55 6.23
C ASP A 96 -1.25 7.41 5.11
N ARG A 97 -1.31 6.23 4.49
CA ARG A 97 -2.25 5.95 3.41
C ARG A 97 -3.69 5.92 3.91
N ILE A 99 -5.19 8.02 6.00
CA ILE A 99 -5.59 9.21 6.74
C ILE A 99 -5.34 10.50 5.95
N ARG A 100 -4.46 10.43 4.96
CA ARG A 100 -4.07 11.58 4.15
C ARG A 100 -5.21 12.22 3.33
N PRO A 101 -6.03 11.42 2.63
CA PRO A 101 -7.07 12.05 1.82
C PRO A 101 -8.34 12.44 2.60
N LEU A 102 -8.26 12.45 3.92
CA LEU A 102 -9.39 12.85 4.76
C LEU A 102 -9.31 14.31 5.22
N PHE A 103 -8.12 14.89 5.16
CA PHE A 103 -7.94 16.32 5.41
C PHE A 103 -8.59 17.12 4.29
N PRO A 104 -9.44 18.10 4.64
CA PRO A 104 -10.19 18.89 3.66
C PRO A 104 -9.28 19.57 2.62
N GLU A 105 -9.78 19.71 1.40
CA GLU A 105 -9.03 20.34 0.32
C GLU A 105 -8.78 21.82 0.62
N GLY A 106 -7.52 22.19 0.72
CA GLY A 106 -7.13 23.55 1.07
C GLY A 106 -6.44 23.63 2.42
N PHE A 107 -6.49 22.52 3.18
CA PHE A 107 -5.78 22.44 4.46
C PHE A 107 -4.30 22.22 4.22
N VAL A 108 -3.50 23.19 4.65
CA VAL A 108 -2.08 23.26 4.29
C VAL A 108 -1.17 23.36 5.53
N ASN A 109 -1.77 23.29 6.71
CA ASN A 109 -1.01 23.34 7.96
C ASN A 109 -0.15 22.10 8.18
N GLU A 110 1.05 22.30 8.73
CA GLU A 110 1.98 21.21 9.00
C GLU A 110 1.51 20.37 10.18
N VAL A 111 1.40 19.07 9.96
CA VAL A 111 0.94 18.13 10.99
C VAL A 111 1.76 16.85 11.01
N GLN A 112 2.27 16.50 12.19
CA GLN A 112 3.10 15.31 12.37
C GLN A 112 2.45 14.31 13.34
N VAL A 113 2.38 13.06 12.91
CA VAL A 113 1.87 11.97 13.74
C VAL A 113 3.00 11.03 14.13
N ILE A 114 3.24 10.89 15.43
CA ILE A 114 4.29 10.04 15.95
C ILE A 114 3.72 8.88 16.75
N ALA A 115 3.94 7.66 16.26
CA ALA A 115 3.48 6.45 16.93
C ALA A 115 4.66 5.61 17.40
N THR A 116 4.70 5.34 18.70
CA THR A 116 5.77 4.55 19.30
C THR A 116 5.25 3.30 20.02
N VAL A 117 5.79 2.14 19.66
CA VAL A 117 5.44 0.89 20.32
C VAL A 117 6.20 0.81 21.64
N VAL A 118 5.45 0.87 22.74
CA VAL A 118 6.04 0.94 24.08
C VAL A 118 5.85 -0.38 24.85
N SER A 119 4.88 -1.19 24.42
CA SER A 119 4.65 -2.53 24.97
C SER A 119 4.10 -3.42 23.87
N VAL A 120 4.56 -4.67 23.82
CA VAL A 120 4.18 -5.59 22.73
C VAL A 120 3.93 -7.03 23.19
N ASN A 121 2.85 -7.61 22.65
CA ASN A 121 2.54 -9.02 22.80
C ASN A 121 2.94 -9.74 21.49
N PRO A 122 3.68 -10.80 21.59
CA PRO A 122 4.23 -11.43 20.41
C PRO A 122 3.17 -12.02 19.51
N GLN A 123 1.94 -12.09 19.97
CA GLN A 123 0.88 -12.63 19.14
C GLN A 123 -0.05 -11.58 18.57
N VAL A 124 0.04 -10.34 19.04
CA VAL A 124 -0.77 -9.25 18.54
C VAL A 124 0.03 -8.19 17.82
N ASN A 125 -0.15 -8.06 16.52
CA ASN A 125 0.65 -7.16 15.67
C ASN A 125 0.37 -5.68 15.98
N PRO A 126 1.41 -4.92 16.35
CA PRO A 126 1.27 -3.51 16.72
C PRO A 126 0.89 -2.55 15.58
N ASP A 127 0.90 -3.05 14.34
CA ASP A 127 0.60 -2.22 13.18
C ASP A 127 -0.86 -1.78 13.08
N ILE A 128 -1.77 -2.67 13.49
CA ILE A 128 -3.20 -2.35 13.56
C ILE A 128 -3.47 -1.46 14.78
N VAL A 129 -2.74 -1.72 15.86
CA VAL A 129 -2.84 -0.96 17.10
C VAL A 129 -2.43 0.50 16.90
N ALA A 130 -1.37 0.71 16.10
CA ALA A 130 -0.87 2.04 15.78
C ALA A 130 -1.82 2.82 14.87
N MET A 131 -2.52 2.11 13.99
CA MET A 131 -3.48 2.71 13.06
C MET A 131 -4.75 3.17 13.78
N ILE A 132 -5.15 2.44 14.82
CA ILE A 132 -6.28 2.81 15.67
C ILE A 132 -5.90 4.03 16.52
N GLY A 133 -4.66 4.05 17.00
CA GLY A 133 -4.14 5.16 17.79
C GLY A 133 -4.01 6.45 17.01
N ALA A 134 -3.64 6.33 15.74
CA ALA A 134 -3.52 7.48 14.85
C ALA A 134 -4.89 8.04 14.46
N SER A 135 -5.87 7.16 14.36
CA SER A 135 -7.25 7.54 14.07
C SER A 135 -7.89 8.24 15.27
N ALA A 136 -7.55 7.77 16.47
CA ALA A 136 -8.06 8.35 17.71
C ALA A 136 -7.42 9.69 18.02
N ALA A 137 -6.13 9.82 17.70
CA ALA A 137 -5.39 11.05 17.95
C ALA A 137 -5.87 12.22 17.09
N LEU A 138 -6.08 11.96 15.80
CA LEU A 138 -6.54 12.98 14.85
C LEU A 138 -7.98 13.43 15.10
N SER A 139 -8.78 12.53 15.66
CA SER A 139 -10.18 12.81 15.95
C SER A 139 -10.37 13.59 17.25
N LEU A 140 -9.47 13.35 18.22
CA LEU A 140 -9.51 14.03 19.51
C LEU A 140 -8.78 15.39 19.48
N SER A 141 -7.99 15.60 18.43
CA SER A 141 -7.15 16.80 18.30
C SER A 141 -7.93 18.07 18.04
N GLY A 142 -8.95 17.98 17.18
CA GLY A 142 -9.72 19.15 16.74
C GLY A 142 -9.34 19.58 15.33
N ILE A 143 -8.18 19.13 14.88
CA ILE A 143 -7.68 19.36 13.53
C ILE A 143 -8.70 18.84 12.50
N PRO A 144 -9.06 19.69 11.50
CA PRO A 144 -10.01 19.28 10.45
C PRO A 144 -9.64 17.93 9.83
N PHE A 145 -10.44 16.92 10.15
CA PHE A 145 -10.16 15.54 9.76
C PHE A 145 -11.48 14.78 9.70
N ASN A 146 -11.82 14.31 8.50
CA ASN A 146 -13.09 13.64 8.24
C ASN A 146 -13.07 12.14 8.56
N GLY A 147 -12.74 11.82 9.82
CA GLY A 147 -12.73 10.44 10.29
C GLY A 147 -13.84 10.17 11.29
N PRO A 148 -13.61 9.25 12.24
CA PRO A 148 -12.40 8.43 12.40
C PRO A 148 -12.43 7.19 11.50
N ILE A 149 -11.26 6.63 11.23
CA ILE A 149 -11.15 5.39 10.47
C ILE A 149 -10.96 4.16 11.36
N GLY A 150 -11.37 3.01 10.85
CA GLY A 150 -11.13 1.74 11.51
C GLY A 150 -9.93 1.02 10.92
N ALA A 151 -9.40 0.05 11.65
CA ALA A 151 -8.26 -0.74 11.19
C ALA A 151 -8.51 -2.23 11.43
N ALA A 152 -8.43 -3.02 10.36
CA ALA A 152 -8.74 -4.45 10.42
C ALA A 152 -7.77 -5.30 9.62
N ARG A 153 -7.38 -6.43 10.21
CA ARG A 153 -6.63 -7.47 9.49
C ARG A 153 -7.53 -8.67 9.25
N VAL A 154 -7.60 -9.11 7.99
CA VAL A 154 -8.46 -10.22 7.60
C VAL A 154 -7.64 -11.45 7.19
N GLY A 155 -7.93 -12.58 7.84
CA GLY A 155 -7.31 -13.86 7.49
C GLY A 155 -8.28 -14.75 6.74
N TYR A 156 -7.82 -15.94 6.35
CA TYR A 156 -8.64 -16.89 5.62
C TYR A 156 -8.28 -18.33 5.99
N ILE A 157 -8.82 -18.79 7.11
CA ILE A 157 -8.56 -20.13 7.63
C ILE A 157 -9.80 -21.01 7.47
N ASN A 158 -9.60 -22.18 6.86
CA ASN A 158 -10.69 -23.15 6.59
C ASN A 158 -11.87 -22.56 5.82
N ASP A 159 -11.56 -21.84 4.74
CA ASP A 159 -12.54 -21.21 3.84
C ASP A 159 -13.48 -20.21 4.53
N GLN A 160 -13.02 -19.64 5.64
CA GLN A 160 -13.79 -18.65 6.41
C GLN A 160 -12.91 -17.47 6.81
N TYR A 161 -13.49 -16.27 6.79
CA TYR A 161 -12.76 -15.05 7.14
C TYR A 161 -12.55 -14.92 8.65
N VAL A 162 -11.32 -14.63 9.04
CA VAL A 162 -10.96 -14.48 10.45
C VAL A 162 -10.50 -13.05 10.74
N LEU A 163 -11.15 -12.40 11.70
CA LEU A 163 -10.80 -11.04 12.10
C LEU A 163 -9.58 -11.02 13.03
N ASN A 164 -8.60 -10.20 12.68
CA ASN A 164 -7.33 -10.07 13.40
C ASN A 164 -6.72 -11.41 13.86
N PRO A 165 -6.21 -12.20 12.89
CA PRO A 165 -5.58 -13.47 13.26
C PRO A 165 -4.21 -13.25 13.91
N THR A 166 -3.90 -14.07 14.91
CA THR A 166 -2.60 -14.00 15.60
C THR A 166 -1.49 -14.57 14.72
N GLN A 167 -0.25 -14.41 15.16
CA GLN A 167 0.92 -14.88 14.40
C GLN A 167 0.92 -16.40 14.18
N ASP A 168 0.37 -17.13 15.15
CA ASP A 168 0.22 -18.58 15.03
C ASP A 168 -0.96 -18.94 14.11
N GLU A 169 -1.97 -18.12 14.06
CA GLU A 169 -3.12 -18.45 13.27
C GLU A 169 -2.76 -18.19 11.87
N LEU A 170 -2.05 -17.09 11.65
CA LEU A 170 -1.64 -16.68 10.32
C LEU A 170 -1.01 -17.84 9.56
N LYS A 171 -0.15 -18.59 10.25
CA LYS A 171 0.56 -19.70 9.62
C LYS A 171 -0.40 -20.63 8.90
N GLU A 172 -1.67 -20.60 9.31
CA GLU A 172 -2.68 -21.49 8.74
C GLU A 172 -3.60 -20.71 7.78
N SER A 173 -3.28 -19.44 7.56
CA SER A 173 -4.14 -18.56 6.77
C SER A 173 -3.66 -18.48 5.34
N LYS A 174 -4.58 -18.19 4.42
CA LYS A 174 -4.28 -18.15 3.01
C LYS A 174 -4.29 -16.74 2.59
N LEU A 175 -4.48 -15.86 3.55
CA LEU A 175 -4.58 -14.44 3.25
C LEU A 175 -4.12 -13.57 4.41
N ASP A 176 -3.32 -12.55 4.10
CA ASP A 176 -2.90 -11.55 5.06
C ASP A 176 -3.31 -10.16 4.57
N LEU A 177 -4.58 -9.85 4.76
CA LEU A 177 -5.16 -8.61 4.26
C LEU A 177 -5.30 -7.54 5.35
N VAL A 178 -4.92 -6.32 5.01
CA VAL A 178 -5.06 -5.17 5.91
C VAL A 178 -5.98 -4.14 5.25
N VAL A 179 -7.08 -3.82 5.92
CA VAL A 179 -8.08 -2.90 5.38
C VAL A 179 -8.40 -1.76 6.36
N ALA A 180 -8.39 -0.53 5.84
CA ALA A 180 -8.71 0.66 6.63
C ALA A 180 -9.67 1.57 5.86
N GLY A 181 -10.65 2.11 6.58
CA GLY A 181 -11.64 3.01 5.98
C GLY A 181 -12.57 3.66 6.98
N THR A 182 -13.33 4.64 6.51
CA THR A 182 -14.31 5.36 7.34
C THR A 182 -15.63 4.58 7.45
N GLU A 183 -16.61 5.17 8.13
CA GLU A 183 -17.92 4.55 8.33
C GLU A 183 -18.74 4.43 7.04
N ALA A 184 -18.38 5.22 6.04
CA ALA A 184 -19.09 5.25 4.77
C ALA A 184 -18.44 4.38 3.68
N ALA A 185 -17.13 4.54 3.50
CA ALA A 185 -16.42 3.86 2.42
C ALA A 185 -15.00 3.40 2.81
N VAL A 186 -14.51 2.40 2.08
CA VAL A 186 -13.15 1.89 2.26
C VAL A 186 -12.15 2.86 1.64
N LEU A 187 -11.00 3.02 2.27
CA LEU A 187 -9.97 3.96 1.81
C LEU A 187 -8.64 3.31 1.46
N MET A 188 -8.23 2.31 2.25
CA MET A 188 -6.94 1.66 2.08
C MET A 188 -7.01 0.14 2.19
N VAL A 189 -6.40 -0.55 1.23
CA VAL A 189 -6.29 -2.01 1.29
C VAL A 189 -4.89 -2.47 0.92
N GLU A 190 -4.36 -3.43 1.68
CA GLU A 190 -3.05 -4.00 1.39
C GLU A 190 -3.01 -5.49 1.72
N SER A 191 -2.94 -6.31 0.67
CA SER A 191 -3.30 -7.73 0.79
C SER A 191 -2.13 -8.62 0.41
N GLU A 192 -2.08 -9.80 1.02
CA GLU A 192 -1.18 -10.86 0.56
C GLU A 192 -1.86 -12.23 0.63
N ALA A 193 -1.83 -12.95 -0.49
CA ALA A 193 -2.77 -14.04 -0.72
C ALA A 193 -2.08 -15.22 -1.42
N GLU A 194 -2.62 -16.42 -1.18
CA GLU A 194 -2.10 -17.62 -1.83
C GLU A 194 -2.98 -18.04 -3.01
N LEU A 195 -2.97 -17.22 -4.05
CA LEU A 195 -3.71 -17.44 -5.30
C LEU A 195 -5.22 -17.63 -5.10
N LEU A 196 -5.84 -16.66 -4.43
CA LEU A 196 -7.29 -16.68 -4.19
C LEU A 196 -8.04 -15.98 -5.32
N SER A 197 -9.32 -16.32 -5.47
CA SER A 197 -10.17 -15.77 -6.53
C SER A 197 -10.55 -14.32 -6.27
N GLU A 198 -11.13 -13.67 -7.29
CA GLU A 198 -11.52 -12.26 -7.24
C GLU A 198 -12.58 -11.97 -6.18
N ASP A 199 -13.56 -12.87 -6.04
CA ASP A 199 -14.64 -12.72 -5.08
C ASP A 199 -14.18 -12.94 -3.63
N GLN A 200 -13.20 -13.82 -3.45
CA GLN A 200 -12.63 -14.10 -2.13
C GLN A 200 -11.82 -12.93 -1.59
N MET A 201 -11.17 -12.20 -2.49
CA MET A 201 -10.39 -11.01 -2.13
C MET A 201 -11.31 -9.84 -1.83
N LEU A 202 -12.36 -9.68 -2.64
CA LEU A 202 -13.35 -8.61 -2.47
C LEU A 202 -14.22 -8.86 -1.24
N GLY A 203 -14.50 -10.13 -0.96
CA GLY A 203 -15.26 -10.54 0.22
C GLY A 203 -14.55 -10.21 1.52
N ALA A 204 -13.22 -10.23 1.48
CA ALA A 204 -12.38 -9.90 2.64
C ALA A 204 -12.35 -8.40 2.92
N VAL A 205 -12.43 -7.60 1.85
CA VAL A 205 -12.44 -6.14 1.95
C VAL A 205 -13.74 -5.65 2.58
N VAL A 206 -14.86 -6.24 2.14
CA VAL A 206 -16.18 -5.92 2.68
C VAL A 206 -16.33 -6.40 4.12
N PHE A 207 -15.84 -7.62 4.38
CA PHE A 207 -15.86 -8.21 5.73
C PHE A 207 -15.09 -7.36 6.74
N GLY A 208 -13.87 -6.97 6.37
CA GLY A 208 -13.01 -6.18 7.23
C GLY A 208 -13.52 -4.78 7.52
N HIS A 209 -14.22 -4.20 6.53
CA HIS A 209 -14.82 -2.88 6.66
C HIS A 209 -16.03 -2.91 7.60
N GLU A 210 -16.75 -4.02 7.60
CA GLU A 210 -17.92 -4.21 8.46
C GLU A 210 -17.52 -4.46 9.92
N GLN A 211 -16.42 -5.20 10.10
CA GLN A 211 -15.93 -5.58 11.43
C GLN A 211 -15.24 -4.42 12.16
N GLN A 212 -14.64 -3.52 11.40
CA GLN A 212 -13.89 -2.39 11.96
C GLN A 212 -14.78 -1.22 12.38
N GLN A 213 -16.09 -1.37 12.21
CA GLN A 213 -17.07 -0.33 12.55
C GLN A 213 -17.18 -0.11 14.07
N VAL A 214 -16.83 -1.13 14.85
CA VAL A 214 -16.85 -1.03 16.30
C VAL A 214 -15.72 -0.13 16.84
N VAL A 215 -14.66 0.01 16.05
CA VAL A 215 -13.54 0.87 16.39
C VAL A 215 -13.92 2.34 16.18
N ILE A 216 -14.58 2.62 15.07
CA ILE A 216 -15.02 3.98 14.71
C ILE A 216 -16.04 4.53 15.72
N GLN A 217 -16.97 3.68 16.13
CA GLN A 217 -18.02 4.06 17.09
C GLN A 217 -17.49 4.38 18.48
N ASN A 218 -16.51 3.60 18.93
CA ASN A 218 -15.92 3.78 20.25
C ASN A 218 -14.97 4.98 20.34
N ILE A 219 -14.34 5.34 19.23
CA ILE A 219 -13.53 6.55 19.16
C ILE A 219 -14.44 7.79 19.16
N ASN A 220 -15.53 7.71 18.40
CA ASN A 220 -16.53 8.78 18.34
C ASN A 220 -17.15 9.13 19.69
N GLU A 221 -17.34 8.12 20.54
CA GLU A 221 -17.86 8.34 21.89
C GLU A 221 -16.82 9.00 22.80
N LEU A 222 -15.55 8.62 22.62
CA LEU A 222 -14.44 9.23 23.34
C LEU A 222 -14.26 10.68 22.89
N VAL A 223 -14.52 10.92 21.61
CA VAL A 223 -14.48 12.27 21.02
C VAL A 223 -15.54 13.18 21.63
N LYS A 224 -16.74 12.65 21.84
CA LYS A 224 -17.84 13.40 22.45
C LYS A 224 -17.64 13.62 23.96
N GLU A 225 -16.81 12.77 24.57
CA GLU A 225 -16.55 12.85 26.01
C GLU A 225 -15.34 13.70 26.38
N ALA A 226 -14.23 13.50 25.66
CA ALA A 226 -12.96 14.15 26.01
C ALA A 226 -12.28 14.90 24.85
N GLY A 227 -12.98 14.99 23.72
CA GLY A 227 -12.44 15.65 22.53
C GLY A 227 -12.34 17.16 22.65
N LYS A 228 -11.23 17.71 22.16
CA LYS A 228 -11.02 19.15 22.13
C LYS A 228 -11.92 19.82 21.08
N PRO A 229 -12.26 21.11 21.28
CA PRO A 229 -13.11 21.85 20.34
C PRO A 229 -12.58 21.86 18.91
N ARG A 230 -13.49 21.89 17.95
CA ARG A 230 -13.15 21.87 16.53
C ARG A 230 -12.43 23.15 16.10
N TRP A 231 -11.46 22.99 15.20
CA TRP A 231 -10.61 24.08 14.74
C TRP A 231 -11.36 25.16 13.97
N ASP A 232 -10.98 26.41 14.21
CA ASP A 232 -11.56 27.56 13.50
C ASP A 232 -10.89 27.70 12.14
N TRP A 233 -11.17 26.76 11.25
CA TRP A 233 -10.60 26.74 9.91
C TRP A 233 -11.68 26.61 8.84
N GLN A 234 -11.58 27.47 7.83
CA GLN A 234 -12.49 27.44 6.67
C GLN A 234 -11.69 27.52 5.38
N PRO A 235 -12.08 26.76 4.35
CA PRO A 235 -11.41 26.83 3.05
C PRO A 235 -11.68 28.18 2.38
N GLU A 236 -10.68 28.68 1.66
CA GLU A 236 -10.80 29.95 0.93
C GLU A 236 -11.79 29.79 -0.22
N PRO A 237 -12.83 30.66 -0.26
CA PRO A 237 -13.95 30.53 -1.21
C PRO A 237 -13.53 30.65 -2.67
N VAL A 238 -14.29 30.00 -3.55
CA VAL A 238 -14.01 30.00 -4.99
C VAL A 238 -14.39 31.33 -5.63
N ALA A 257 -2.28 19.57 -25.94
CA ALA A 257 -1.87 18.41 -25.15
C ALA A 257 -2.81 17.21 -25.38
N TYR A 258 -3.44 17.18 -26.55
CA TYR A 258 -4.40 16.12 -26.89
C TYR A 258 -3.72 14.89 -27.49
N ARG A 259 -2.96 15.11 -28.56
CA ARG A 259 -2.29 14.03 -29.28
C ARG A 259 -0.90 13.70 -28.73
N ILE A 260 -0.52 14.37 -27.65
CA ILE A 260 0.78 14.15 -26.99
C ILE A 260 0.80 12.80 -26.27
N THR A 261 1.26 11.78 -26.98
CA THR A 261 1.31 10.41 -26.46
C THR A 261 2.57 10.14 -25.64
N ASP A 262 3.71 10.62 -26.14
CA ASP A 262 4.99 10.44 -25.46
C ASP A 262 5.06 11.31 -24.20
N LYS A 263 5.37 10.66 -23.07
CA LYS A 263 5.40 11.33 -21.76
C LYS A 263 6.52 12.38 -21.65
N GLN A 264 7.65 12.11 -22.29
CA GLN A 264 8.79 13.02 -22.29
C GLN A 264 8.52 14.26 -23.15
N GLU A 265 7.80 14.06 -24.24
CA GLU A 265 7.46 15.15 -25.16
C GLU A 265 6.28 15.99 -24.66
N ARG A 266 5.38 15.34 -23.90
CA ARG A 266 4.20 16.00 -23.36
C ARG A 266 4.53 16.94 -22.20
N TYR A 267 5.35 16.46 -21.27
CA TYR A 267 5.70 17.19 -20.05
C TYR A 267 6.54 18.43 -20.31
N ALA A 268 7.34 18.40 -21.38
CA ALA A 268 8.23 19.51 -21.73
C ALA A 268 7.47 20.68 -22.37
N GLN A 269 6.50 20.35 -23.24
CA GLN A 269 5.74 21.36 -23.97
C GLN A 269 4.48 21.82 -23.23
N VAL A 270 4.21 21.20 -22.08
CA VAL A 270 3.07 21.57 -21.25
C VAL A 270 3.40 22.71 -20.29
N ASP A 271 4.69 23.01 -20.13
CA ASP A 271 5.16 24.06 -19.25
C ASP A 271 4.84 25.46 -19.80
N VAL A 272 3.60 25.89 -19.59
CA VAL A 272 3.14 27.20 -20.03
C VAL A 272 3.55 28.28 -19.04
N ILE A 273 3.91 29.45 -19.56
CA ILE A 273 4.36 30.57 -18.74
C ILE A 273 3.19 31.29 -18.05
N LYS A 274 2.14 31.59 -18.83
CA LYS A 274 0.95 32.31 -18.36
C LYS A 274 1.24 33.73 -17.88
N HIS A 298 -3.53 23.40 -13.05
CA HIS A 298 -3.58 22.03 -12.54
C HIS A 298 -5.02 21.56 -12.34
N ALA A 299 -5.88 22.45 -11.86
CA ALA A 299 -7.29 22.16 -11.63
C ALA A 299 -8.05 21.96 -12.95
N ILE A 300 -7.66 22.72 -13.96
CA ILE A 300 -8.23 22.59 -15.30
C ILE A 300 -7.61 21.41 -16.05
N GLU A 301 -6.35 21.11 -15.73
CA GLU A 301 -5.62 19.99 -16.34
C GLU A 301 -6.22 18.64 -15.93
N LYS A 302 -6.78 18.58 -14.73
CA LYS A 302 -7.49 17.41 -14.25
C LYS A 302 -8.85 17.29 -14.93
N ASN A 303 -9.60 18.39 -14.94
CA ASN A 303 -10.97 18.43 -15.44
C ASN A 303 -11.09 18.11 -16.94
N VAL A 304 -10.10 18.53 -17.72
CA VAL A 304 -10.09 18.27 -19.17
C VAL A 304 -9.88 16.78 -19.48
N VAL A 305 -9.00 16.13 -18.74
CA VAL A 305 -8.75 14.69 -18.86
C VAL A 305 -9.94 13.92 -18.29
N ARG A 306 -10.46 14.39 -17.16
CA ARG A 306 -11.63 13.81 -16.50
C ARG A 306 -12.81 13.61 -17.45
N SER A 307 -13.20 14.69 -18.14
CA SER A 307 -14.36 14.69 -19.02
C SER A 307 -14.14 13.90 -20.31
N ARG A 308 -12.90 13.91 -20.80
CA ARG A 308 -12.54 13.20 -22.03
C ARG A 308 -12.38 11.69 -21.82
N VAL A 309 -12.67 11.23 -20.60
CA VAL A 309 -12.70 9.80 -20.28
C VAL A 309 -14.12 9.41 -19.83
N LEU A 310 -14.80 10.34 -19.16
CA LEU A 310 -16.19 10.15 -18.74
C LEU A 310 -17.15 10.10 -19.92
N ALA A 311 -16.88 10.90 -20.95
CA ALA A 311 -17.68 10.92 -22.17
C ALA A 311 -17.48 9.64 -22.99
N GLY A 312 -16.24 9.15 -23.03
CA GLY A 312 -15.92 7.90 -23.71
C GLY A 312 -15.12 8.06 -25.00
N GLU A 313 -14.18 9.00 -25.00
CA GLU A 313 -13.29 9.22 -26.14
C GLU A 313 -11.84 8.87 -25.79
N PRO A 314 -11.00 8.58 -26.82
CA PRO A 314 -9.58 8.24 -26.67
C PRO A 314 -8.85 8.93 -25.51
N ARG A 315 -8.06 8.14 -24.78
CA ARG A 315 -7.28 8.63 -23.64
C ARG A 315 -6.14 9.55 -24.08
N ILE A 316 -5.36 10.04 -23.12
CA ILE A 316 -4.25 10.98 -23.38
C ILE A 316 -3.28 10.46 -24.45
N ASP A 317 -2.89 9.19 -24.33
CA ASP A 317 -1.98 8.55 -25.28
C ASP A 317 -2.71 7.99 -26.50
N GLY A 318 -4.02 7.86 -26.41
CA GLY A 318 -4.84 7.35 -27.52
C GLY A 318 -5.16 5.88 -27.39
N ARG A 319 -5.86 5.53 -26.32
CA ARG A 319 -6.26 4.15 -26.05
C ARG A 319 -7.72 4.06 -25.61
N GLU A 320 -8.29 2.86 -25.76
CA GLU A 320 -9.60 2.55 -25.21
C GLU A 320 -9.44 2.23 -23.72
N LYS A 321 -10.55 2.28 -22.98
CA LYS A 321 -10.54 2.11 -21.52
C LYS A 321 -9.94 0.79 -21.03
N ASP A 322 -10.00 -0.25 -21.85
CA ASP A 322 -9.51 -1.58 -21.46
C ASP A 322 -8.33 -2.07 -22.32
N MET A 323 -7.52 -1.14 -22.80
CA MET A 323 -6.37 -1.48 -23.64
C MET A 323 -5.05 -1.42 -22.88
N ILE A 324 -4.20 -2.41 -23.14
CA ILE A 324 -2.87 -2.51 -22.53
C ILE A 324 -1.82 -2.00 -23.52
N ARG A 325 -0.80 -1.32 -23.00
CA ARG A 325 0.30 -0.79 -23.82
C ARG A 325 1.15 -1.91 -24.42
N GLY A 326 1.97 -1.54 -25.42
CA GLY A 326 2.85 -2.48 -26.11
C GLY A 326 3.82 -3.19 -25.19
N LEU A 327 3.89 -4.51 -25.32
CA LEU A 327 4.72 -5.34 -24.44
C LEU A 327 5.97 -5.87 -25.14
N ASP A 328 7.09 -5.79 -24.44
CA ASP A 328 8.36 -6.32 -24.92
C ASP A 328 9.02 -7.16 -23.82
N VAL A 329 9.14 -8.45 -24.06
CA VAL A 329 9.67 -9.40 -23.07
C VAL A 329 10.98 -10.01 -23.55
N ARG A 330 12.01 -9.90 -22.72
CA ARG A 330 13.34 -10.43 -23.03
C ARG A 330 13.92 -11.21 -21.85
N THR A 331 14.61 -12.31 -22.17
CA THR A 331 15.15 -13.22 -21.16
C THR A 331 16.62 -13.55 -21.43
N GLY A 332 17.43 -13.47 -20.40
CA GLY A 332 18.82 -13.85 -20.50
C GLY A 332 19.69 -12.72 -20.97
N VAL A 333 19.41 -11.55 -20.45
CA VAL A 333 20.00 -10.36 -20.97
C VAL A 333 21.33 -9.94 -20.38
N LEU A 334 21.71 -10.47 -19.25
CA LEU A 334 22.98 -10.15 -18.65
C LEU A 334 23.81 -11.40 -18.49
N PRO A 335 25.03 -11.35 -18.97
CA PRO A 335 25.93 -12.51 -19.05
C PRO A 335 26.22 -13.21 -17.73
N ARG A 336 26.82 -12.50 -16.78
CA ARG A 336 27.41 -13.14 -15.61
C ARG A 336 26.47 -13.04 -14.41
N THR A 337 25.18 -13.18 -14.66
CA THR A 337 24.21 -13.42 -13.60
C THR A 337 23.61 -14.82 -13.70
N HIS A 338 22.96 -15.25 -12.62
CA HIS A 338 22.11 -16.43 -12.67
C HIS A 338 20.89 -16.20 -13.55
N GLY A 339 19.99 -15.34 -13.10
CA GLY A 339 18.70 -15.17 -13.75
C GLY A 339 18.36 -13.71 -14.00
N SER A 340 18.03 -13.40 -15.25
CA SER A 340 17.92 -12.01 -15.69
C SER A 340 16.78 -11.84 -16.69
N ALA A 341 16.13 -10.69 -16.63
CA ALA A 341 14.92 -10.45 -17.44
C ALA A 341 14.67 -8.96 -17.64
N LEU A 342 14.32 -8.59 -18.87
CA LEU A 342 13.94 -7.23 -19.20
C LEU A 342 12.48 -7.17 -19.66
N PHE A 343 11.66 -6.47 -18.88
CA PHE A 343 10.23 -6.35 -19.15
C PHE A 343 9.88 -4.90 -19.47
N THR A 344 9.31 -4.68 -20.66
CA THR A 344 8.92 -3.35 -21.11
C THR A 344 7.41 -3.29 -21.37
N ARG A 345 6.76 -2.28 -20.80
CA ARG A 345 5.33 -2.08 -20.96
C ARG A 345 5.05 -0.62 -21.32
N GLY A 346 5.02 -0.33 -22.62
CA GLY A 346 4.81 1.02 -23.13
C GLY A 346 6.01 1.92 -22.88
N GLU A 347 5.93 2.71 -21.81
CA GLU A 347 7.03 3.59 -21.41
C GLU A 347 7.52 3.28 -20.00
N THR A 348 7.13 2.11 -19.49
CA THR A 348 7.60 1.61 -18.20
C THR A 348 8.45 0.36 -18.41
N GLN A 349 9.66 0.36 -17.86
CA GLN A 349 10.61 -0.73 -18.05
C GLN A 349 11.30 -1.11 -16.75
N ALA A 350 11.53 -2.41 -16.56
CA ALA A 350 12.20 -2.93 -15.37
C ALA A 350 13.20 -4.03 -15.70
N LEU A 351 14.44 -3.86 -15.28
CA LEU A 351 15.46 -4.85 -15.46
C LEU A 351 15.65 -5.65 -14.19
N VAL A 352 15.31 -6.92 -14.22
CA VAL A 352 15.28 -7.73 -13.03
C VAL A 352 16.22 -8.91 -13.03
N THR A 353 16.81 -9.18 -11.88
CA THR A 353 17.78 -10.23 -11.78
C THR A 353 17.49 -11.15 -10.61
N ALA A 354 17.95 -12.38 -10.69
CA ALA A 354 17.83 -13.34 -9.61
C ALA A 354 19.17 -13.91 -9.23
N THR A 355 19.36 -14.16 -7.95
CA THR A 355 20.59 -14.72 -7.40
C THR A 355 20.31 -15.92 -6.50
N LEU A 356 21.04 -17.00 -6.72
CA LEU A 356 20.91 -18.23 -5.93
C LEU A 356 22.05 -18.34 -4.93
N GLY A 357 21.69 -18.56 -3.66
CA GLY A 357 22.67 -18.72 -2.58
C GLY A 357 22.32 -19.84 -1.64
N THR A 358 23.25 -20.18 -0.76
CA THR A 358 23.06 -21.24 0.24
C THR A 358 22.12 -20.80 1.37
N ALA A 359 21.68 -21.76 2.18
CA ALA A 359 20.78 -21.50 3.30
C ALA A 359 21.37 -20.54 4.35
N ARG A 360 22.69 -20.46 4.40
CA ARG A 360 23.40 -19.57 5.32
C ARG A 360 23.36 -18.10 4.87
N ASP A 361 23.10 -17.88 3.58
CA ASP A 361 23.03 -16.53 3.01
C ASP A 361 21.70 -15.83 3.30
N ALA A 362 20.79 -16.53 3.98
CA ALA A 362 19.47 -15.99 4.33
C ALA A 362 19.59 -14.87 5.36
N GLN A 363 18.82 -13.80 5.13
CA GLN A 363 18.83 -12.63 6.01
C GLN A 363 18.08 -12.91 7.31
N VAL A 364 18.80 -12.88 8.43
CA VAL A 364 18.22 -13.05 9.74
C VAL A 364 17.80 -11.69 10.29
N LEU A 365 16.49 -11.44 10.26
CA LEU A 365 15.94 -10.16 10.71
C LEU A 365 15.44 -10.24 12.15
N ASP A 366 16.14 -9.56 13.04
CA ASP A 366 15.76 -9.48 14.45
C ASP A 366 14.67 -8.42 14.63
N GLU A 367 13.42 -8.87 14.53
CA GLU A 367 12.26 -7.98 14.65
C GLU A 367 11.69 -8.00 16.06
N LEU A 368 10.83 -7.02 16.35
CA LEU A 368 10.24 -6.85 17.68
C LEU A 368 9.33 -8.01 18.09
N MET A 369 8.58 -8.54 17.13
CA MET A 369 7.64 -9.63 17.39
C MET A 369 8.34 -10.98 17.60
N GLY A 370 9.55 -11.10 17.05
CA GLY A 370 10.35 -12.32 17.19
C GLY A 370 11.44 -12.45 16.14
N GLU A 371 12.31 -13.44 16.32
CA GLU A 371 13.38 -13.73 15.37
C GLU A 371 12.81 -14.33 14.10
N ARG A 372 13.22 -13.78 12.95
CA ARG A 372 12.67 -14.17 11.66
C ARG A 372 13.77 -14.35 10.61
N THR A 373 13.80 -15.52 10.00
CA THR A 373 14.75 -15.83 8.92
C THR A 373 14.06 -15.67 7.57
N ASP A 374 14.62 -14.80 6.73
CA ASP A 374 14.04 -14.52 5.42
C ASP A 374 14.81 -15.24 4.32
N THR A 375 14.12 -16.14 3.62
CA THR A 375 14.74 -16.94 2.55
C THR A 375 14.56 -16.33 1.16
N PHE A 376 13.50 -15.54 1.00
CA PHE A 376 13.24 -14.83 -0.26
C PHE A 376 13.42 -13.33 -0.07
N LEU A 377 14.39 -12.78 -0.78
CA LEU A 377 14.72 -11.36 -0.66
C LEU A 377 14.33 -10.59 -1.93
N PHE A 378 13.76 -9.40 -1.73
CA PHE A 378 13.36 -8.54 -2.83
C PHE A 378 13.90 -7.12 -2.64
N HIS A 379 14.50 -6.57 -3.69
CA HIS A 379 15.02 -5.22 -3.66
C HIS A 379 14.51 -4.38 -4.82
N TYR A 380 14.31 -3.09 -4.56
CA TYR A 380 13.71 -2.17 -5.53
C TYR A 380 14.56 -0.90 -5.64
N ASN A 381 14.90 -0.54 -6.88
CA ASN A 381 15.68 0.65 -7.15
C ASN A 381 14.98 1.60 -8.12
N PHE A 382 14.83 2.86 -7.70
CA PHE A 382 14.18 3.88 -8.53
C PHE A 382 15.13 5.07 -8.75
N PRO A 383 15.99 4.98 -9.78
CA PRO A 383 16.91 6.07 -10.13
C PRO A 383 16.19 7.24 -10.80
N PRO A 384 16.77 8.46 -10.72
CA PRO A 384 16.16 9.68 -11.27
C PRO A 384 16.00 9.68 -12.80
N TYR A 385 16.82 8.89 -13.49
CA TYR A 385 16.78 8.85 -14.96
C TYR A 385 15.60 8.07 -15.54
N SER A 386 14.89 7.36 -14.67
CA SER A 386 13.71 6.58 -15.07
C SER A 386 12.56 7.48 -15.54
N VAL A 387 12.54 8.73 -15.06
CA VAL A 387 11.56 9.72 -15.46
C VAL A 387 12.20 10.93 -16.16
N GLY A 388 13.50 10.82 -16.45
CA GLY A 388 14.25 11.86 -17.13
C GLY A 388 14.59 13.04 -16.22
N GLU A 389 15.04 12.74 -15.01
CA GLU A 389 15.38 13.75 -14.03
C GLU A 389 16.79 13.57 -13.47
N THR A 390 17.29 14.60 -12.79
CA THR A 390 18.57 14.55 -12.09
C THR A 390 18.33 14.75 -10.58
N GLY A 391 19.01 13.94 -9.77
CA GLY A 391 18.88 14.03 -8.31
C GLY A 391 19.60 12.96 -7.54
N MET A 392 19.07 12.66 -6.35
CA MET A 392 19.68 11.68 -5.44
C MET A 392 19.46 10.26 -5.93
N VAL A 393 20.52 9.45 -5.86
CA VAL A 393 20.47 8.05 -6.29
C VAL A 393 20.17 7.13 -5.12
N ARG A 398 12.23 7.11 -4.51
CA ARG A 398 11.34 7.26 -3.37
C ARG A 398 10.34 6.11 -3.29
N ARG A 399 9.75 5.93 -2.12
CA ARG A 399 8.77 4.86 -1.91
C ARG A 399 9.28 3.54 -2.47
N GLU A 400 10.60 3.35 -2.42
CA GLU A 400 11.22 2.12 -2.91
C GLU A 400 10.89 0.93 -2.01
N ILE A 401 10.74 1.20 -0.72
CA ILE A 401 10.42 0.15 0.25
C ILE A 401 8.97 -0.32 0.07
N GLY A 402 8.08 0.63 -0.23
CA GLY A 402 6.67 0.34 -0.46
C GLY A 402 6.42 -0.41 -1.75
N HIS A 403 7.09 0.02 -2.82
CA HIS A 403 6.99 -0.65 -4.12
C HIS A 403 7.72 -2.00 -4.13
N GLY A 404 8.78 -2.10 -3.34
CA GLY A 404 9.57 -3.33 -3.21
C GLY A 404 8.81 -4.44 -2.51
N ARG A 405 8.10 -4.08 -1.45
CA ARG A 405 7.30 -5.03 -0.68
C ARG A 405 6.03 -5.45 -1.43
N LEU A 406 5.43 -4.49 -2.16
CA LEU A 406 4.25 -4.76 -2.98
C LEU A 406 4.56 -5.77 -4.09
N ALA A 407 5.73 -5.61 -4.72
CA ALA A 407 6.19 -6.52 -5.76
C ALA A 407 6.64 -7.86 -5.17
N LYS A 408 7.11 -7.82 -3.92
CA LYS A 408 7.51 -9.03 -3.19
C LYS A 408 6.29 -9.89 -2.85
N ARG A 409 5.21 -9.23 -2.41
CA ARG A 409 3.96 -9.90 -2.06
C ARG A 409 3.25 -10.50 -3.28
N GLY A 410 3.52 -9.93 -4.45
CA GLY A 410 2.98 -10.44 -5.70
C GLY A 410 3.69 -11.68 -6.21
N VAL A 411 4.90 -11.92 -5.69
CA VAL A 411 5.73 -13.05 -6.12
C VAL A 411 5.83 -14.13 -5.03
N LEU A 412 5.72 -13.71 -3.76
CA LEU A 412 5.88 -14.61 -2.61
C LEU A 412 4.95 -15.84 -2.63
N ALA A 413 3.74 -15.66 -3.13
CA ALA A 413 2.74 -16.73 -3.19
C ALA A 413 3.10 -17.84 -4.17
N VAL A 414 3.86 -17.49 -5.20
CA VAL A 414 4.22 -18.44 -6.26
C VAL A 414 5.59 -19.08 -6.02
N MET A 415 6.34 -18.56 -5.04
CA MET A 415 7.65 -19.09 -4.67
C MET A 415 7.58 -20.52 -4.14
N PRO A 416 8.53 -21.38 -4.56
CA PRO A 416 8.55 -22.79 -4.15
C PRO A 416 8.88 -22.99 -2.67
N ASP A 417 8.57 -24.18 -2.16
CA ASP A 417 8.82 -24.53 -0.76
C ASP A 417 10.31 -24.77 -0.50
N MET A 418 10.69 -24.69 0.77
CA MET A 418 12.07 -24.97 1.20
C MET A 418 12.39 -26.47 1.16
N ASP A 419 11.35 -27.29 1.10
CA ASP A 419 11.50 -28.74 1.00
C ASP A 419 11.87 -29.16 -0.43
N LYS A 420 11.25 -28.49 -1.41
CA LYS A 420 11.52 -28.75 -2.83
C LYS A 420 12.70 -27.94 -3.32
N PHE A 421 12.89 -26.74 -2.75
CA PHE A 421 13.96 -25.84 -3.15
C PHE A 421 14.57 -25.15 -1.92
N PRO A 422 15.62 -25.77 -1.34
CA PRO A 422 16.26 -25.26 -0.12
C PRO A 422 17.41 -24.29 -0.39
N TYR A 423 17.16 -23.27 -1.21
CA TYR A 423 18.16 -22.28 -1.55
C TYR A 423 17.65 -20.86 -1.34
N THR A 424 18.51 -19.99 -0.84
CA THR A 424 18.18 -18.58 -0.64
C THR A 424 18.16 -17.86 -1.99
N VAL A 425 17.01 -17.29 -2.33
CA VAL A 425 16.82 -16.60 -3.61
C VAL A 425 16.63 -15.10 -3.38
N ARG A 426 17.41 -14.30 -4.10
CA ARG A 426 17.30 -12.84 -4.04
C ARG A 426 16.94 -12.25 -5.40
N VAL A 427 15.97 -11.35 -5.39
CA VAL A 427 15.48 -10.71 -6.61
C VAL A 427 15.62 -9.18 -6.52
N VAL A 428 16.32 -8.60 -7.48
CA VAL A 428 16.52 -7.14 -7.53
C VAL A 428 15.92 -6.57 -8.80
N SER A 429 15.09 -5.54 -8.64
CA SER A 429 14.44 -4.87 -9.77
C SER A 429 15.01 -3.47 -9.99
N GLU A 430 15.53 -3.24 -11.20
CA GLU A 430 16.07 -1.94 -11.58
C GLU A 430 15.11 -1.24 -12.53
N ILE A 431 14.50 -0.16 -12.06
CA ILE A 431 13.53 0.59 -12.87
C ILE A 431 14.26 1.55 -13.81
N THR A 432 14.34 1.15 -15.08
CA THR A 432 15.01 1.95 -16.11
C THR A 432 14.09 3.01 -16.73
N GLU A 433 12.79 2.67 -16.81
CA GLU A 433 11.77 3.61 -17.28
C GLU A 433 10.51 3.53 -16.42
N SER A 434 9.88 4.67 -16.19
CA SER A 434 8.69 4.75 -15.34
C SER A 434 7.61 5.66 -15.92
N ASN A 435 6.44 5.10 -16.20
CA ASN A 435 5.30 5.88 -16.65
C ASN A 435 3.98 5.20 -16.34
N GLY A 436 3.74 4.93 -15.07
CA GLY A 436 2.64 4.08 -14.65
C GLY A 436 3.10 2.77 -14.03
N SER A 437 3.21 2.77 -12.71
CA SER A 437 3.19 1.53 -11.95
C SER A 437 4.39 0.64 -12.28
N SER A 438 5.57 1.05 -11.80
CA SER A 438 6.79 0.29 -12.02
C SER A 438 6.89 -0.88 -11.05
N SER A 439 5.98 -0.92 -10.07
CA SER A 439 5.94 -2.01 -9.10
C SER A 439 5.37 -3.29 -9.69
N MET A 440 4.33 -3.16 -10.52
CA MET A 440 3.71 -4.29 -11.19
C MET A 440 4.57 -4.81 -12.34
N ALA A 441 5.39 -3.93 -12.90
CA ALA A 441 6.38 -4.29 -13.92
C ALA A 441 7.50 -5.13 -13.31
N SER A 442 7.75 -4.92 -12.01
CA SER A 442 8.72 -5.69 -11.26
C SER A 442 8.22 -7.10 -10.98
N VAL A 443 6.89 -7.25 -10.83
CA VAL A 443 6.25 -8.55 -10.61
C VAL A 443 6.41 -9.43 -11.86
N CYS A 444 6.18 -8.83 -13.02
CA CYS A 444 6.36 -9.52 -14.30
C CYS A 444 7.83 -9.85 -14.56
N GLY A 445 8.69 -8.89 -14.25
CA GLY A 445 10.14 -9.06 -14.42
C GLY A 445 10.75 -10.09 -13.51
N ALA A 446 10.22 -10.19 -12.28
CA ALA A 446 10.70 -11.17 -11.30
C ALA A 446 10.35 -12.60 -11.70
N SER A 447 9.14 -12.78 -12.26
CA SER A 447 8.67 -14.08 -12.70
C SER A 447 9.53 -14.67 -13.80
N LEU A 448 9.96 -13.81 -14.73
CA LEU A 448 10.80 -14.22 -15.86
C LEU A 448 12.25 -14.43 -15.42
N ALA A 449 12.69 -13.66 -14.43
CA ALA A 449 14.06 -13.77 -13.90
C ALA A 449 14.25 -15.03 -13.07
N LEU A 450 13.20 -15.44 -12.35
CA LEU A 450 13.22 -16.68 -11.57
C LEU A 450 13.24 -17.91 -12.47
N MET A 451 12.51 -17.85 -13.57
CA MET A 451 12.50 -18.92 -14.56
C MET A 451 13.82 -19.01 -15.32
N ASP A 452 14.48 -17.86 -15.50
CA ASP A 452 15.79 -17.80 -16.15
C ASP A 452 16.88 -18.35 -15.25
N ALA A 453 16.73 -18.14 -13.95
CA ALA A 453 17.70 -18.61 -12.95
C ALA A 453 17.60 -20.13 -12.74
N GLY A 454 16.41 -20.67 -12.94
CA GLY A 454 16.16 -22.10 -12.75
C GLY A 454 15.32 -22.39 -11.53
N VAL A 455 14.71 -21.35 -10.96
CA VAL A 455 13.84 -21.48 -9.78
C VAL A 455 12.49 -22.04 -10.22
N PRO A 456 12.12 -23.23 -9.70
CA PRO A 456 10.86 -23.87 -10.08
C PRO A 456 9.65 -23.27 -9.37
N ILE A 457 9.25 -22.08 -9.80
CA ILE A 457 8.06 -21.42 -9.27
C ILE A 457 6.79 -22.15 -9.71
N LYS A 458 5.77 -22.13 -8.86
CA LYS A 458 4.52 -22.87 -9.10
C LYS A 458 3.89 -22.57 -10.45
N ALA A 459 3.85 -21.29 -10.81
CA ALA A 459 3.32 -20.82 -12.09
C ALA A 459 3.91 -19.46 -12.46
N ALA A 460 3.53 -18.93 -13.62
CA ALA A 460 3.94 -17.59 -14.03
C ALA A 460 3.04 -16.54 -13.37
N VAL A 461 3.63 -15.40 -12.99
CA VAL A 461 2.89 -14.34 -12.31
C VAL A 461 3.09 -12.96 -12.95
N ALA A 462 2.01 -12.19 -13.02
CA ALA A 462 2.02 -10.85 -13.61
C ALA A 462 1.18 -9.86 -12.81
N GLY A 463 1.45 -8.57 -13.02
CA GLY A 463 0.73 -7.50 -12.33
C GLY A 463 0.20 -6.43 -13.27
N ILE A 464 -0.84 -5.73 -12.81
CA ILE A 464 -1.47 -4.66 -13.61
C ILE A 464 -2.05 -3.54 -12.73
N ALA A 465 -1.83 -2.30 -13.14
CA ALA A 465 -2.38 -1.14 -12.45
C ALA A 465 -3.69 -0.69 -13.09
N MET A 466 -4.68 -0.39 -12.25
CA MET A 466 -6.00 0.03 -12.71
C MET A 466 -6.42 1.35 -12.09
N GLY A 467 -7.12 2.17 -12.87
CA GLY A 467 -7.64 3.44 -12.39
C GLY A 467 -9.16 3.53 -12.57
N LEU A 468 -9.77 4.52 -11.92
CA LEU A 468 -11.22 4.71 -12.00
C LEU A 468 -11.62 6.18 -11.96
N VAL A 469 -12.51 6.57 -12.88
CA VAL A 469 -13.05 7.93 -12.95
C VAL A 469 -14.58 7.86 -12.78
N LYS A 470 -15.10 8.60 -11.81
CA LYS A 470 -16.53 8.55 -11.47
C LYS A 470 -17.05 9.91 -10.98
N GLU A 471 -18.30 10.22 -11.33
CA GLU A 471 -18.97 11.42 -10.81
C GLU A 471 -20.44 11.15 -10.48
N GLY A 472 -21.18 10.58 -11.42
CA GLY A 472 -22.57 10.19 -11.20
C GLY A 472 -22.70 8.70 -10.99
N ASP A 473 -23.69 8.11 -11.66
CA ASP A 473 -23.85 6.65 -11.67
C ASP A 473 -22.92 6.04 -12.72
N ASN A 474 -22.48 6.86 -13.67
CA ASN A 474 -21.57 6.44 -14.73
C ASN A 474 -20.12 6.49 -14.29
N TYR A 475 -19.40 5.39 -14.50
CA TYR A 475 -17.99 5.28 -14.15
C TYR A 475 -17.22 4.49 -15.21
N VAL A 476 -15.91 4.72 -15.27
CA VAL A 476 -15.04 4.02 -16.21
C VAL A 476 -13.76 3.52 -15.54
N VAL A 477 -13.56 2.20 -15.58
CA VAL A 477 -12.35 1.58 -15.05
C VAL A 477 -11.29 1.44 -16.15
N LEU A 478 -10.14 2.04 -15.91
CA LEU A 478 -9.06 2.08 -16.91
C LEU A 478 -8.01 1.00 -16.67
N SER A 479 -7.55 0.39 -17.77
CA SER A 479 -6.52 -0.65 -17.71
C SER A 479 -5.15 -0.08 -18.09
N ASP A 480 -4.14 -0.44 -17.31
CA ASP A 480 -2.75 0.01 -17.50
C ASP A 480 -2.64 1.53 -17.58
N ILE A 481 -2.81 2.19 -16.43
CA ILE A 481 -2.84 3.66 -16.36
C ILE A 481 -1.46 4.30 -16.45
N LEU A 482 -1.41 5.50 -17.04
CA LEU A 482 -0.19 6.29 -17.12
C LEU A 482 0.08 7.02 -15.80
N GLY A 483 1.28 7.56 -15.66
CA GLY A 483 1.66 8.35 -14.49
C GLY A 483 1.07 9.75 -14.53
N GLU A 485 -2.72 10.23 -15.36
CA GLU A 485 -3.95 9.49 -15.11
C GLU A 485 -4.06 9.04 -13.65
N ASP A 486 -2.91 8.82 -13.01
CA ASP A 486 -2.87 8.37 -11.61
C ASP A 486 -3.23 9.48 -10.64
N HIS A 487 -2.69 10.68 -10.87
CA HIS A 487 -2.99 11.85 -10.03
C HIS A 487 -4.41 12.32 -10.27
N LEU A 488 -4.84 12.28 -11.52
CA LEU A 488 -6.16 12.77 -11.93
C LEU A 488 -7.17 11.62 -11.95
N GLY A 489 -7.63 11.25 -10.76
CA GLY A 489 -8.59 10.15 -10.61
C GLY A 489 -9.23 10.08 -9.24
N ASP A 490 -10.07 9.06 -9.06
CA ASP A 490 -10.79 8.84 -7.81
C ASP A 490 -10.13 7.74 -6.99
N MET A 491 -9.84 6.61 -7.63
CA MET A 491 -9.10 5.52 -6.99
C MET A 491 -8.16 4.82 -7.96
N ASP A 492 -7.06 4.28 -7.43
CA ASP A 492 -6.14 3.46 -8.20
C ASP A 492 -5.82 2.17 -7.43
N PHE A 493 -5.85 1.05 -8.14
CA PHE A 493 -5.58 -0.25 -7.51
C PHE A 493 -4.74 -1.19 -8.38
N LYS A 494 -3.85 -1.92 -7.74
CA LYS A 494 -2.95 -2.84 -8.43
C LYS A 494 -3.21 -4.30 -8.06
N VAL A 495 -3.44 -5.11 -9.09
CA VAL A 495 -3.72 -6.54 -8.91
C VAL A 495 -2.57 -7.37 -9.48
N ALA A 496 -1.98 -8.21 -8.63
CA ALA A 496 -0.93 -9.13 -9.04
C ALA A 496 -1.34 -10.56 -8.72
N GLY A 497 -1.16 -11.45 -9.70
CA GLY A 497 -1.51 -12.86 -9.53
C GLY A 497 -1.22 -13.72 -10.76
N SER A 498 -1.46 -15.01 -10.62
CA SER A 498 -1.22 -15.98 -11.70
C SER A 498 -2.46 -16.16 -12.58
N ARG A 499 -2.45 -17.23 -13.38
CA ARG A 499 -3.58 -17.58 -14.24
C ARG A 499 -4.75 -18.14 -13.42
N ASP A 500 -4.45 -18.69 -12.24
CA ASP A 500 -5.44 -19.34 -11.40
C ASP A 500 -6.01 -18.43 -10.30
N GLY A 501 -5.17 -17.59 -9.71
CA GLY A 501 -5.59 -16.72 -8.60
C GLY A 501 -4.87 -15.41 -8.47
N ILE A 502 -5.08 -14.74 -7.34
CA ILE A 502 -4.48 -13.44 -7.04
C ILE A 502 -3.49 -13.56 -5.89
N SER A 503 -2.27 -13.05 -6.12
CA SER A 503 -1.22 -13.08 -5.11
C SER A 503 -1.16 -11.80 -4.26
N ALA A 504 -1.47 -10.66 -4.87
CA ALA A 504 -1.43 -9.37 -4.17
C ALA A 504 -2.51 -8.40 -4.66
N LEU A 505 -3.07 -7.63 -3.73
CA LEU A 505 -4.09 -6.64 -4.03
C LEU A 505 -3.93 -5.39 -3.16
N GLN A 506 -3.63 -4.27 -3.81
CA GLN A 506 -3.50 -2.97 -3.14
C GLN A 506 -4.55 -2.01 -3.67
N MET A 507 -5.21 -1.28 -2.77
CA MET A 507 -6.21 -0.28 -3.15
C MET A 507 -5.97 1.06 -2.45
N ASP A 508 -6.25 2.14 -3.17
CA ASP A 508 -6.18 3.50 -2.61
C ASP A 508 -7.36 4.34 -3.09
N ILE A 509 -8.38 4.45 -2.24
CA ILE A 509 -9.61 5.16 -2.58
C ILE A 509 -9.64 6.55 -1.93
N LYS A 510 -10.12 7.53 -2.69
CA LYS A 510 -10.23 8.91 -2.21
C LYS A 510 -11.63 9.50 -2.39
N ILE A 511 -12.56 8.71 -2.91
CA ILE A 511 -13.92 9.19 -3.19
C ILE A 511 -15.00 8.48 -2.35
N GLU A 512 -16.03 9.24 -1.99
CA GLU A 512 -17.19 8.75 -1.27
C GLU A 512 -18.13 7.97 -2.18
N GLY A 513 -18.53 6.79 -1.74
CA GLY A 513 -19.59 6.01 -2.40
C GLY A 513 -19.15 5.10 -3.53
N ILE A 514 -18.15 4.26 -3.27
CA ILE A 514 -17.79 3.19 -4.19
C ILE A 514 -18.49 1.90 -3.73
N THR A 515 -19.43 1.44 -4.53
CA THR A 515 -20.17 0.21 -4.24
C THR A 515 -19.35 -1.03 -4.56
N LYS A 516 -19.68 -2.14 -3.91
CA LYS A 516 -18.97 -3.41 -4.13
C LYS A 516 -19.22 -4.00 -5.51
N GLU A 517 -20.31 -3.57 -6.14
CA GLU A 517 -20.64 -3.97 -7.51
C GLU A 517 -19.72 -3.30 -8.52
N ILE A 518 -19.31 -2.07 -8.22
CA ILE A 518 -18.36 -1.33 -9.06
C ILE A 518 -16.96 -1.93 -8.95
N MET A 519 -16.61 -2.39 -7.75
CA MET A 519 -15.33 -3.06 -7.52
C MET A 519 -15.32 -4.47 -8.11
N GLN A 520 -16.50 -5.08 -8.16
CA GLN A 520 -16.69 -6.41 -8.79
C GLN A 520 -16.34 -6.36 -10.27
N VAL A 521 -16.81 -5.32 -10.95
CA VAL A 521 -16.51 -5.11 -12.38
C VAL A 521 -15.05 -4.68 -12.57
N ALA A 522 -14.55 -3.87 -11.64
CA ALA A 522 -13.19 -3.34 -11.70
C ALA A 522 -12.12 -4.43 -11.61
N LEU A 523 -12.35 -5.43 -10.76
CA LEU A 523 -11.43 -6.56 -10.61
C LEU A 523 -11.54 -7.56 -11.76
N ASN A 524 -12.71 -7.61 -12.40
CA ASN A 524 -12.95 -8.49 -13.54
C ASN A 524 -12.19 -8.06 -14.79
N GLN A 525 -12.10 -6.73 -15.00
CA GLN A 525 -11.32 -6.16 -16.09
C GLN A 525 -9.82 -6.30 -15.80
N ALA A 526 -9.48 -6.26 -14.51
CA ALA A 526 -8.10 -6.46 -14.06
C ALA A 526 -7.64 -7.90 -14.23
N LYS A 527 -8.58 -8.84 -14.15
CA LYS A 527 -8.31 -10.26 -14.35
C LYS A 527 -7.93 -10.53 -15.80
N GLY A 528 -8.75 -10.03 -16.73
CA GLY A 528 -8.49 -10.17 -18.16
C GLY A 528 -7.28 -9.38 -18.64
N ALA A 529 -6.88 -8.40 -17.84
CA ALA A 529 -5.70 -7.59 -18.14
C ALA A 529 -4.40 -8.35 -17.89
N ARG A 530 -4.31 -9.03 -16.74
CA ARG A 530 -3.12 -9.80 -16.39
C ARG A 530 -3.02 -11.13 -17.16
N LEU A 531 -4.16 -11.66 -17.57
CA LEU A 531 -4.20 -12.87 -18.40
C LEU A 531 -3.66 -12.60 -19.81
N HIS A 532 -3.83 -11.36 -20.26
CA HIS A 532 -3.27 -10.91 -21.53
C HIS A 532 -1.75 -10.75 -21.45
N ILE A 533 -1.28 -10.28 -20.29
CA ILE A 533 0.16 -10.12 -20.04
C ILE A 533 0.83 -11.48 -19.90
N LEU A 534 0.19 -12.38 -19.16
CA LEU A 534 0.69 -13.75 -18.95
C LEU A 534 0.76 -14.55 -20.26
N GLY A 535 -0.15 -14.24 -21.19
CA GLY A 535 -0.17 -14.87 -22.51
C GLY A 535 1.03 -14.50 -23.35
N VAL A 536 1.46 -13.24 -23.25
CA VAL A 536 2.64 -12.75 -23.95
C VAL A 536 3.93 -13.22 -23.25
N MET A 537 3.88 -13.25 -21.92
CA MET A 537 5.00 -13.76 -21.13
C MET A 537 5.22 -15.25 -21.38
N GLU A 538 4.12 -15.98 -21.57
CA GLU A 538 4.18 -17.43 -21.64
C GLU A 538 4.91 -17.90 -22.90
N GLN A 539 5.18 -16.96 -23.80
CA GLN A 539 5.74 -17.29 -25.11
C GLN A 539 7.26 -17.23 -25.09
N ALA A 540 7.80 -16.15 -24.54
CA ALA A 540 9.25 -15.98 -24.43
C ALA A 540 9.86 -16.97 -23.46
N ILE A 541 9.29 -17.05 -22.26
CA ILE A 541 9.74 -17.99 -21.23
C ILE A 541 8.56 -18.75 -20.64
N ASN A 542 8.62 -20.07 -20.70
CA ASN A 542 7.54 -20.93 -20.22
C ASN A 542 7.93 -21.87 -19.08
N ALA A 543 9.19 -22.31 -19.08
CA ALA A 543 9.69 -23.27 -18.10
C ALA A 543 11.07 -22.86 -17.55
N PRO A 544 11.34 -23.19 -16.27
CA PRO A 544 12.64 -22.91 -15.67
C PRO A 544 13.78 -23.76 -16.22
N ARG A 545 14.97 -23.61 -15.64
CA ARG A 545 16.19 -24.33 -16.04
C ARG A 545 16.55 -24.11 -17.51
#